data_5PH3
#
_entry.id   5PH3
#
_cell.length_a   71.225
_cell.length_b   71.225
_cell.length_c   150.208
_cell.angle_alpha   90.000
_cell.angle_beta   90.000
_cell.angle_gamma   90.000
#
_symmetry.space_group_name_H-M   'P 43 21 2'
#
loop_
_entity.id
_entity.type
_entity.pdbx_description
1 polymer 'Lysine-specific demethylase 4D'
2 non-polymer 'ZINC ION'
3 non-polymer 'NICKEL (II) ION'
4 non-polymer N-OXALYLGLYCINE
5 non-polymer 1,2-ETHANEDIOL
6 non-polymer 'SULFATE ION'
7 non-polymer 5,6-DIMETHYLBENZIMIDAZOLE
8 water water
#
_entity_poly.entity_id   1
_entity_poly.type   'polypeptide(L)'
_entity_poly.pdbx_seq_one_letter_code
;MHHHHHHSSGVDLGTENLYFQSMETMKSKANCAQNPNCNIMIFHPTKEEFNDFDKYIAYMESQGAHRAGLAKIIPPKEWK
ARETYDNISEILIATPLQQVASGRAGVFTQYHKKKKAMTVGEYRHLANSKKYQTPPHQNFEDLERKYWKNRIYNSPIYGA
DISGSLFDENTKQWNLGHLGTIQDLLEKECGVVIEGVNTPYLYFGMWKTTFAWHTEDMDLYSINYLHLGEPKTWYVVPPE
HGQRLERLARELFPGSSRGCGAFLRHKVALISPTVLKENGIPFNRITQEAGEFMVTFPYGYHAGFNHGFNCAEAINFATP
RWIDYGKMASQCSCGEARVTFSMDAFVRILQPERYDLWKRGQDR
;
_entity_poly.pdbx_strand_id   A
#
# COMPACT_ATOMS: atom_id res chain seq x y z
N ALA A 33 22.96 -13.61 -9.96
CA ALA A 33 21.91 -12.79 -9.40
C ALA A 33 21.00 -13.60 -8.46
N GLN A 34 20.73 -13.05 -7.29
CA GLN A 34 19.92 -13.73 -6.29
C GLN A 34 18.44 -13.63 -6.63
N ASN A 35 17.70 -14.69 -6.32
CA ASN A 35 16.25 -14.74 -6.55
C ASN A 35 15.84 -14.38 -7.99
N PRO A 36 16.42 -15.05 -8.99
CA PRO A 36 16.15 -14.67 -10.38
C PRO A 36 14.70 -14.88 -10.82
N ASN A 37 13.99 -15.82 -10.19
CA ASN A 37 12.59 -16.05 -10.51
C ASN A 37 11.67 -15.06 -9.81
N CYS A 38 12.22 -14.17 -8.98
CA CYS A 38 11.45 -13.11 -8.32
C CYS A 38 10.37 -13.67 -7.39
N ASN A 39 10.70 -14.73 -6.67
CA ASN A 39 9.80 -15.28 -5.67
C ASN A 39 9.69 -14.40 -4.44
N ILE A 40 8.51 -14.38 -3.84
CA ILE A 40 8.33 -13.73 -2.53
C ILE A 40 9.09 -14.51 -1.47
N MET A 41 10.03 -13.86 -0.81
CA MET A 41 10.83 -14.49 0.24
C MET A 41 10.25 -14.19 1.62
N ILE A 42 10.44 -15.14 2.53
CA ILE A 42 9.96 -15.06 3.91
C ILE A 42 11.17 -15.11 4.83
N PHE A 43 11.26 -14.14 5.73
CA PHE A 43 12.40 -14.02 6.64
C PHE A 43 12.01 -14.25 8.09
N HIS A 44 12.92 -14.87 8.84
CA HIS A 44 12.72 -15.16 10.24
C HIS A 44 13.88 -14.61 11.07
N PRO A 45 13.97 -13.27 11.22
CA PRO A 45 15.06 -12.71 12.01
C PRO A 45 15.04 -13.14 13.47
N THR A 46 16.23 -13.33 14.03
CA THR A 46 16.36 -13.49 15.48
C THR A 46 16.17 -12.14 16.14
N LYS A 47 16.00 -12.12 17.47
CA LYS A 47 15.84 -10.84 18.14
C LYS A 47 17.11 -10.00 18.00
N GLU A 48 18.27 -10.64 17.88
CA GLU A 48 19.52 -9.92 17.65
C GLU A 48 19.53 -9.24 16.27
N GLU A 49 19.03 -9.94 15.25
CA GLU A 49 18.94 -9.38 13.91
C GLU A 49 17.85 -8.31 13.77
N PHE A 50 16.94 -8.25 14.74
CA PHE A 50 15.78 -7.37 14.68
C PHE A 50 16.06 -5.98 15.26
N ASN A 51 17.31 -5.74 15.66
CA ASN A 51 17.65 -4.47 16.28
C ASN A 51 17.87 -3.34 15.28
N ASP A 52 18.49 -3.67 14.16
CA ASP A 52 18.91 -2.68 13.18
C ASP A 52 18.06 -2.81 11.93
N PHE A 53 17.05 -1.95 11.83
CA PHE A 53 16.08 -2.02 10.75
C PHE A 53 16.74 -1.87 9.37
N ASP A 54 17.47 -0.78 9.18
N ASP A 54 17.50 -0.81 9.18
CA ASP A 54 18.12 -0.53 7.90
CA ASP A 54 18.11 -0.54 7.88
C ASP A 54 19.03 -1.69 7.48
C ASP A 54 19.10 -1.61 7.46
N LYS A 55 19.79 -2.22 8.42
CA LYS A 55 20.71 -3.31 8.14
C LYS A 55 19.93 -4.54 7.68
N TYR A 56 18.79 -4.81 8.28
CA TYR A 56 18.05 -6.00 7.90
C TYR A 56 17.41 -5.84 6.52
N ILE A 57 16.93 -4.63 6.18
CA ILE A 57 16.41 -4.42 4.83
C ILE A 57 17.53 -4.66 3.81
N ALA A 58 18.72 -4.14 4.11
CA ALA A 58 19.87 -4.35 3.22
C ALA A 58 20.20 -5.83 3.09
N TYR A 59 20.11 -6.57 4.19
CA TYR A 59 20.35 -8.01 4.15
C TYR A 59 19.33 -8.71 3.25
N MET A 60 18.05 -8.39 3.42
N MET A 60 18.04 -8.39 3.42
CA MET A 60 17.01 -8.99 2.59
CA MET A 60 17.02 -9.00 2.59
C MET A 60 17.30 -8.76 1.11
C MET A 60 17.32 -8.77 1.11
N GLU A 61 17.71 -7.55 0.77
CA GLU A 61 18.02 -7.22 -0.63
C GLU A 61 19.28 -7.96 -1.11
N SER A 62 20.24 -8.19 -0.23
CA SER A 62 21.44 -8.95 -0.60
C SER A 62 21.04 -10.38 -1.01
N GLN A 63 19.89 -10.85 -0.52
CA GLN A 63 19.39 -12.17 -0.85
C GLN A 63 18.40 -12.14 -2.02
N GLY A 64 18.21 -10.96 -2.61
CA GLY A 64 17.34 -10.83 -3.76
C GLY A 64 15.87 -10.60 -3.45
N ALA A 65 15.53 -10.31 -2.19
CA ALA A 65 14.12 -10.20 -1.81
C ALA A 65 13.37 -9.16 -2.63
N HIS A 66 14.03 -8.04 -2.92
CA HIS A 66 13.37 -6.94 -3.63
C HIS A 66 12.91 -7.32 -5.03
N ARG A 67 13.51 -8.36 -5.63
CA ARG A 67 13.13 -8.71 -6.99
C ARG A 67 11.66 -9.13 -7.08
N ALA A 68 11.10 -9.64 -5.98
CA ALA A 68 9.69 -10.03 -5.96
C ALA A 68 8.75 -8.84 -5.89
N GLY A 69 9.21 -7.73 -5.33
CA GLY A 69 8.36 -6.58 -5.06
C GLY A 69 7.74 -6.60 -3.67
N LEU A 70 7.81 -7.73 -2.98
CA LEU A 70 7.15 -7.94 -1.71
C LEU A 70 7.92 -8.99 -0.93
N ALA A 71 8.08 -8.81 0.39
CA ALA A 71 8.69 -9.82 1.27
C ALA A 71 7.87 -9.92 2.55
N LYS A 72 7.88 -11.09 3.18
CA LYS A 72 7.28 -11.28 4.49
C LYS A 72 8.37 -11.38 5.54
N ILE A 73 8.15 -10.72 6.69
CA ILE A 73 9.08 -10.83 7.80
C ILE A 73 8.30 -11.26 9.04
N ILE A 74 8.65 -12.44 9.56
CA ILE A 74 8.05 -12.94 10.78
C ILE A 74 8.91 -12.49 11.94
N PRO A 75 8.35 -11.68 12.86
CA PRO A 75 9.19 -11.16 13.95
C PRO A 75 9.66 -12.26 14.90
N PRO A 76 10.75 -12.00 15.63
CA PRO A 76 11.24 -12.94 16.65
C PRO A 76 10.12 -13.33 17.61
N LYS A 77 10.15 -14.57 18.11
CA LYS A 77 9.09 -15.04 19.00
C LYS A 77 9.00 -14.22 20.28
N GLU A 78 10.10 -13.55 20.65
CA GLU A 78 10.15 -12.76 21.88
C GLU A 78 9.55 -11.35 21.72
N TRP A 79 9.29 -10.96 20.48
CA TRP A 79 8.87 -9.60 20.17
C TRP A 79 7.36 -9.41 20.23
N LYS A 80 6.95 -8.22 20.66
CA LYS A 80 5.54 -7.83 20.64
C LYS A 80 5.40 -6.38 20.22
N ALA A 81 4.34 -6.07 19.47
CA ALA A 81 4.06 -4.69 19.09
C ALA A 81 3.56 -3.88 20.28
N ARG A 82 2.74 -4.52 21.11
CA ARG A 82 2.16 -3.90 22.29
C ARG A 82 1.68 -5.04 23.19
N GLU A 83 1.27 -4.71 24.41
CA GLU A 83 0.91 -5.74 25.37
C GLU A 83 -0.41 -6.44 25.04
N THR A 84 -1.45 -5.66 24.78
CA THR A 84 -2.75 -6.22 24.38
C THR A 84 -3.46 -5.25 23.45
N TYR A 85 -4.49 -5.75 22.77
CA TYR A 85 -5.31 -4.90 21.92
C TYR A 85 -6.67 -4.64 22.56
N ASP A 86 -6.71 -4.76 23.88
CA ASP A 86 -7.97 -4.75 24.62
CA ASP A 86 -7.97 -4.75 24.62
C ASP A 86 -8.67 -3.40 24.65
N ASN A 87 -7.94 -2.33 24.40
CA ASN A 87 -8.54 -1.01 24.58
C ASN A 87 -8.53 -0.13 23.35
N ILE A 88 -8.81 -0.73 22.19
CA ILE A 88 -8.75 0.02 20.93
C ILE A 88 -10.12 0.34 20.33
N SER A 89 -11.19 -0.04 21.01
CA SER A 89 -12.52 0.11 20.43
CA SER A 89 -12.51 0.11 20.40
C SER A 89 -12.96 1.57 20.32
N GLU A 90 -12.28 2.46 21.04
CA GLU A 90 -12.67 3.88 21.01
C GLU A 90 -11.92 4.71 19.98
N ILE A 91 -11.02 4.09 19.23
CA ILE A 91 -10.44 4.75 18.05
C ILE A 91 -11.59 5.13 17.10
N LEU A 92 -11.54 6.33 16.54
CA LEU A 92 -12.58 6.75 15.61
C LEU A 92 -12.15 6.55 14.16
N ILE A 93 -13.05 5.98 13.37
CA ILE A 93 -12.93 5.96 11.92
C ILE A 93 -13.80 7.12 11.43
N ALA A 94 -13.19 8.27 11.23
CA ALA A 94 -13.94 9.49 10.92
C ALA A 94 -14.68 9.40 9.61
N THR A 95 -14.08 8.72 8.63
CA THR A 95 -14.67 8.62 7.30
C THR A 95 -14.52 7.20 6.76
N PRO A 96 -15.36 6.27 7.24
CA PRO A 96 -15.36 4.93 6.65
C PRO A 96 -15.70 5.01 5.17
N LEU A 97 -15.12 4.12 4.37
CA LEU A 97 -15.30 4.15 2.93
C LEU A 97 -15.99 2.89 2.43
N GLN A 98 -17.12 3.07 1.77
CA GLN A 98 -17.84 1.96 1.15
C GLN A 98 -17.30 1.75 -0.26
N GLN A 99 -16.77 0.55 -0.52
CA GLN A 99 -16.05 0.28 -1.75
C GLN A 99 -16.97 -0.35 -2.80
N VAL A 100 -17.50 0.49 -3.68
CA VAL A 100 -18.49 0.09 -4.65
C VAL A 100 -17.83 -0.26 -5.99
N ALA A 101 -18.08 -1.47 -6.48
CA ALA A 101 -17.41 -1.96 -7.69
C ALA A 101 -18.24 -1.80 -8.96
N SER A 102 -17.53 -1.69 -10.09
CA SER A 102 -18.13 -1.64 -11.43
C SER A 102 -17.26 -2.43 -12.37
N GLY A 103 -17.87 -3.21 -13.26
CA GLY A 103 -17.11 -3.93 -14.26
C GLY A 103 -17.48 -5.40 -14.28
N ARG A 104 -16.47 -6.25 -14.38
N ARG A 104 -16.48 -6.27 -14.43
CA ARG A 104 -16.64 -7.69 -14.38
CA ARG A 104 -16.71 -7.71 -14.38
C ARG A 104 -15.95 -8.27 -13.17
C ARG A 104 -15.86 -8.31 -13.28
N ALA A 105 -16.14 -9.56 -12.91
CA ALA A 105 -15.57 -10.16 -11.71
C ALA A 105 -14.06 -10.05 -11.67
N GLY A 106 -13.42 -10.23 -12.82
CA GLY A 106 -11.96 -10.23 -12.86
C GLY A 106 -11.31 -8.93 -13.29
N VAL A 107 -12.12 -7.97 -13.73
CA VAL A 107 -11.61 -6.67 -14.19
C VAL A 107 -12.61 -5.61 -13.77
N PHE A 108 -12.31 -4.87 -12.71
CA PHE A 108 -13.27 -3.92 -12.20
C PHE A 108 -12.60 -2.72 -11.59
N THR A 109 -13.35 -1.64 -11.44
CA THR A 109 -12.90 -0.51 -10.67
C THR A 109 -13.74 -0.39 -9.42
N GLN A 110 -13.22 0.34 -8.43
CA GLN A 110 -14.02 0.62 -7.26
C GLN A 110 -13.95 2.10 -6.91
N TYR A 111 -15.10 2.60 -6.47
CA TYR A 111 -15.08 3.96 -5.96
CA TYR A 111 -15.40 3.96 -6.05
C TYR A 111 -15.48 3.94 -4.51
N HIS A 112 -15.02 4.98 -3.84
CA HIS A 112 -15.17 5.09 -2.39
CA HIS A 112 -15.17 5.06 -2.39
C HIS A 112 -16.25 6.07 -2.01
N LYS A 113 -17.32 5.56 -1.42
CA LYS A 113 -18.41 6.37 -0.95
C LYS A 113 -18.21 6.64 0.54
N LYS A 114 -18.15 7.92 0.91
CA LYS A 114 -17.92 8.27 2.31
C LYS A 114 -19.16 7.96 3.15
N LYS A 115 -18.92 7.36 4.32
CA LYS A 115 -20.00 7.04 5.24
C LYS A 115 -19.83 7.84 6.53
N LYS A 116 -20.84 7.81 7.39
CA LYS A 116 -20.76 8.51 8.66
C LYS A 116 -19.73 7.85 9.59
N ALA A 117 -19.15 8.67 10.46
CA ALA A 117 -18.12 8.21 11.37
C ALA A 117 -18.61 7.09 12.28
N MET A 118 -17.71 6.17 12.63
N MET A 118 -17.72 6.13 12.55
CA MET A 118 -18.01 5.16 13.62
CA MET A 118 -17.97 5.07 13.54
C MET A 118 -16.73 4.78 14.34
C MET A 118 -16.72 4.84 14.36
N THR A 119 -16.88 4.27 15.56
CA THR A 119 -15.73 3.83 16.33
C THR A 119 -15.27 2.47 15.81
N VAL A 120 -14.06 2.07 16.19
CA VAL A 120 -13.55 0.75 15.84
C VAL A 120 -14.46 -0.34 16.43
N GLY A 121 -14.98 -0.13 17.63
CA GLY A 121 -15.92 -1.08 18.21
C GLY A 121 -17.16 -1.25 17.35
N GLU A 122 -17.71 -0.14 16.88
CA GLU A 122 -18.87 -0.19 16.00
C GLU A 122 -18.53 -0.86 14.67
N TYR A 123 -17.36 -0.55 14.14
CA TYR A 123 -16.89 -1.12 12.88
C TYR A 123 -16.71 -2.63 12.99
N ARG A 124 -16.13 -3.08 14.09
CA ARG A 124 -15.93 -4.50 14.31
C ARG A 124 -17.29 -5.23 14.35
N HIS A 125 -18.25 -4.65 15.04
CA HIS A 125 -19.59 -5.20 15.09
C HIS A 125 -20.20 -5.29 13.70
N LEU A 126 -20.01 -4.25 12.89
CA LEU A 126 -20.50 -4.26 11.52
C LEU A 126 -19.80 -5.35 10.69
N ALA A 127 -18.49 -5.47 10.81
CA ALA A 127 -17.72 -6.48 10.10
C ALA A 127 -18.22 -7.90 10.41
N ASN A 128 -18.66 -8.10 11.65
CA ASN A 128 -19.09 -9.41 12.10
C ASN A 128 -20.57 -9.69 11.83
N SER A 129 -21.29 -8.71 11.29
CA SER A 129 -22.72 -8.87 11.04
C SER A 129 -22.96 -9.90 9.94
N LYS A 130 -24.16 -10.43 9.85
CA LYS A 130 -24.47 -11.41 8.81
C LYS A 130 -24.21 -10.86 7.42
N LYS A 131 -24.49 -9.57 7.23
CA LYS A 131 -24.35 -8.95 5.91
C LYS A 131 -22.91 -8.89 5.43
N TYR A 132 -21.98 -8.66 6.36
CA TYR A 132 -20.60 -8.36 5.99
C TYR A 132 -19.57 -9.42 6.38
N GLN A 133 -19.96 -10.40 7.17
N GLN A 133 -19.95 -10.39 7.19
CA GLN A 133 -18.98 -11.35 7.71
CA GLN A 133 -18.98 -11.34 7.75
C GLN A 133 -18.41 -12.29 6.65
C GLN A 133 -18.46 -12.35 6.73
N THR A 134 -17.22 -12.80 6.94
CA THR A 134 -16.58 -13.83 6.13
C THR A 134 -17.48 -15.05 5.97
N PRO A 135 -17.65 -15.54 4.73
CA PRO A 135 -18.47 -16.74 4.53
C PRO A 135 -17.78 -18.02 4.96
N PRO A 136 -18.56 -19.10 5.14
CA PRO A 136 -17.93 -20.42 5.33
C PRO A 136 -16.98 -20.74 4.19
N HIS A 137 -15.86 -21.36 4.50
CA HIS A 137 -14.86 -21.69 3.49
C HIS A 137 -13.92 -22.77 4.01
N GLN A 138 -13.27 -23.47 3.09
CA GLN A 138 -12.43 -24.62 3.43
C GLN A 138 -11.03 -24.23 3.90
N ASN A 139 -10.46 -23.23 3.22
CA ASN A 139 -9.08 -22.81 3.43
C ASN A 139 -8.85 -21.47 2.74
N PHE A 140 -7.62 -20.95 2.77
CA PHE A 140 -7.33 -19.66 2.13
C PHE A 140 -7.64 -19.68 0.63
N GLU A 141 -7.33 -20.79 -0.03
CA GLU A 141 -7.56 -20.92 -1.48
C GLU A 141 -9.05 -20.85 -1.83
N ASP A 142 -9.87 -21.51 -1.02
CA ASP A 142 -11.31 -21.51 -1.21
C ASP A 142 -11.83 -20.08 -1.02
N LEU A 143 -11.33 -19.41 0.01
CA LEU A 143 -11.76 -18.04 0.26
C LEU A 143 -11.33 -17.12 -0.89
N GLU A 144 -10.12 -17.32 -1.40
CA GLU A 144 -9.64 -16.56 -2.55
C GLU A 144 -10.55 -16.72 -3.77
N ARG A 145 -10.98 -17.95 -4.04
N ARG A 145 -10.97 -17.95 -4.03
CA ARG A 145 -11.91 -18.21 -5.12
CA ARG A 145 -11.90 -18.23 -5.12
C ARG A 145 -13.23 -17.45 -4.92
C ARG A 145 -13.21 -17.47 -4.92
N LYS A 146 -13.76 -17.52 -3.71
CA LYS A 146 -14.98 -16.80 -3.39
C LYS A 146 -14.82 -15.29 -3.54
N TYR A 147 -13.67 -14.75 -3.12
CA TYR A 147 -13.42 -13.33 -3.27
C TYR A 147 -13.52 -12.92 -4.74
N TRP A 148 -12.79 -13.58 -5.63
CA TRP A 148 -12.77 -13.13 -7.02
C TRP A 148 -14.07 -13.43 -7.75
N LYS A 149 -14.77 -14.47 -7.32
CA LYS A 149 -16.06 -14.79 -7.92
CA LYS A 149 -16.06 -14.80 -7.92
C LYS A 149 -17.12 -13.76 -7.55
N ASN A 150 -17.10 -13.32 -6.29
CA ASN A 150 -18.22 -12.58 -5.72
C ASN A 150 -17.98 -11.13 -5.28
N ARG A 151 -16.73 -10.68 -5.30
CA ARG A 151 -16.39 -9.35 -4.78
C ARG A 151 -17.27 -8.25 -5.36
N ILE A 152 -17.48 -8.25 -6.67
CA ILE A 152 -18.13 -7.08 -7.27
C ILE A 152 -19.59 -6.95 -6.85
N TYR A 153 -20.19 -8.01 -6.34
CA TYR A 153 -21.61 -7.99 -5.97
C TYR A 153 -21.86 -7.48 -4.55
N ASN A 154 -20.82 -7.04 -3.87
CA ASN A 154 -20.94 -6.48 -2.53
C ASN A 154 -20.13 -5.20 -2.41
N SER A 155 -20.43 -4.42 -1.37
CA SER A 155 -19.71 -3.18 -1.14
CA SER A 155 -19.69 -3.18 -1.14
C SER A 155 -19.24 -3.09 0.31
N PRO A 156 -18.11 -3.72 0.62
CA PRO A 156 -17.58 -3.72 1.98
C PRO A 156 -17.15 -2.31 2.39
N ILE A 157 -17.05 -2.10 3.69
CA ILE A 157 -16.69 -0.78 4.23
C ILE A 157 -15.32 -0.90 4.86
N TYR A 158 -14.43 0.04 4.51
N TYR A 158 -14.41 0.00 4.55
CA TYR A 158 -13.01 0.07 4.89
CA TYR A 158 -13.15 -0.08 5.26
C TYR A 158 -12.70 1.31 5.75
C TYR A 158 -12.64 1.25 5.73
N GLY A 159 -11.95 1.16 6.84
CA GLY A 159 -11.41 2.31 7.52
C GLY A 159 -9.97 2.51 7.09
N ALA A 160 -9.71 3.42 6.17
CA ALA A 160 -8.38 3.54 5.59
C ALA A 160 -7.70 4.86 5.91
N ASP A 161 -6.37 4.83 5.89
CA ASP A 161 -5.55 6.04 5.97
C ASP A 161 -5.88 6.86 7.21
N ILE A 162 -5.98 6.17 8.34
CA ILE A 162 -6.21 6.83 9.61
C ILE A 162 -4.88 7.13 10.27
N SER A 163 -4.49 8.40 10.37
N SER A 163 -4.53 8.40 10.40
CA SER A 163 -3.21 8.72 10.97
CA SER A 163 -3.27 8.79 11.02
C SER A 163 -3.18 8.24 12.42
C SER A 163 -3.17 8.29 12.46
N GLY A 164 -2.15 7.49 12.77
CA GLY A 164 -2.01 6.97 14.11
C GLY A 164 -1.11 5.76 14.18
N SER A 165 -0.88 5.26 15.39
CA SER A 165 -0.05 4.07 15.59
C SER A 165 -0.58 3.24 16.74
N LEU A 166 -0.44 1.92 16.64
CA LEU A 166 -0.76 1.03 17.74
C LEU A 166 0.48 0.39 18.34
N PHE A 167 1.66 0.83 17.92
CA PHE A 167 2.88 0.36 18.58
C PHE A 167 3.06 1.01 19.93
N ASP A 168 3.36 0.21 20.95
CA ASP A 168 3.73 0.73 22.27
C ASP A 168 4.98 1.59 22.12
N GLU A 169 5.01 2.74 22.79
CA GLU A 169 6.17 3.61 22.67
C GLU A 169 7.44 2.93 23.16
N ASN A 170 7.30 1.92 24.01
CA ASN A 170 8.43 1.17 24.55
C ASN A 170 8.88 0.01 23.67
N THR A 171 8.18 -0.23 22.58
CA THR A 171 8.65 -1.21 21.60
C THR A 171 9.77 -0.56 20.79
N LYS A 172 10.98 -1.09 20.95
CA LYS A 172 12.13 -0.45 20.34
C LYS A 172 12.45 -0.96 18.96
N GLN A 173 12.06 -2.19 18.66
CA GLN A 173 12.41 -2.82 17.38
C GLN A 173 11.23 -2.78 16.41
N TRP A 174 11.50 -2.35 15.17
CA TRP A 174 10.51 -2.37 14.10
C TRP A 174 9.19 -1.69 14.52
N ASN A 175 9.35 -0.58 15.23
CA ASN A 175 8.24 0.26 15.64
C ASN A 175 7.97 1.23 14.49
N LEU A 176 6.85 1.07 13.80
CA LEU A 176 6.60 1.84 12.58
C LEU A 176 6.38 3.32 12.84
N GLY A 177 6.23 3.71 14.12
CA GLY A 177 6.17 5.12 14.49
C GLY A 177 7.51 5.72 14.89
N HIS A 178 8.56 4.90 14.86
CA HIS A 178 9.90 5.35 15.24
C HIS A 178 10.94 5.16 14.13
N LEU A 179 10.50 5.06 12.88
CA LEU A 179 11.45 4.86 11.79
C LEU A 179 12.16 6.14 11.39
N GLY A 180 13.36 6.02 10.85
CA GLY A 180 14.03 7.15 10.23
C GLY A 180 13.16 7.68 9.10
N THR A 181 13.16 9.00 8.91
CA THR A 181 12.22 9.60 7.98
C THR A 181 12.75 9.63 6.55
N ILE A 182 11.84 9.68 5.59
CA ILE A 182 12.22 9.81 4.19
CA ILE A 182 12.27 9.77 4.21
C ILE A 182 12.95 11.12 3.94
N GLN A 183 12.53 12.16 4.65
CA GLN A 183 13.18 13.46 4.51
C GLN A 183 14.64 13.39 4.98
N ASP A 184 14.89 12.70 6.08
CA ASP A 184 16.26 12.55 6.54
C ASP A 184 17.07 11.65 5.62
N LEU A 185 16.44 10.64 5.02
CA LEU A 185 17.15 9.81 4.06
C LEU A 185 17.59 10.67 2.87
N LEU A 186 16.68 11.47 2.33
N LEU A 186 16.68 11.48 2.35
CA LEU A 186 17.04 12.33 1.21
CA LEU A 186 16.99 12.32 1.20
C LEU A 186 18.18 13.26 1.57
C LEU A 186 18.10 13.32 1.54
N GLU A 187 18.12 13.81 2.78
CA GLU A 187 19.16 14.71 3.22
C GLU A 187 20.52 14.01 3.37
N LYS A 188 20.50 12.83 3.96
CA LYS A 188 21.75 12.06 4.12
C LYS A 188 22.36 11.70 2.78
N GLU A 189 21.52 11.36 1.81
CA GLU A 189 22.01 10.88 0.53
C GLU A 189 22.37 11.99 -0.44
N CYS A 190 21.58 13.06 -0.42
N CYS A 190 21.58 13.06 -0.49
CA CYS A 190 21.67 14.09 -1.46
CA CYS A 190 21.84 14.09 -1.50
C CYS A 190 22.05 15.46 -0.92
C CYS A 190 22.09 15.48 -0.93
N GLY A 191 22.10 15.60 0.40
CA GLY A 191 22.51 16.84 1.03
C GLY A 191 21.50 17.96 1.00
N VAL A 192 20.27 17.68 0.60
CA VAL A 192 19.22 18.69 0.56
CA VAL A 192 19.30 18.77 0.65
C VAL A 192 18.30 18.58 1.77
N VAL A 193 17.97 19.69 2.39
CA VAL A 193 17.09 19.71 3.51
C VAL A 193 15.73 20.14 3.01
N ILE A 194 14.70 19.37 3.36
CA ILE A 194 13.35 19.68 2.90
C ILE A 194 12.33 19.62 4.03
N GLU A 195 11.24 20.35 3.84
CA GLU A 195 10.09 20.24 4.72
C GLU A 195 9.40 18.89 4.56
N GLY A 196 8.51 18.57 5.49
CA GLY A 196 7.68 17.39 5.38
C GLY A 196 7.90 16.45 6.54
N VAL A 197 6.89 15.65 6.80
CA VAL A 197 6.93 14.65 7.84
C VAL A 197 6.37 13.36 7.27
N ASN A 198 6.48 12.29 8.07
N ASN A 198 6.67 12.23 7.88
CA ASN A 198 6.38 10.89 7.63
CA ASN A 198 5.91 11.06 7.52
C ASN A 198 5.79 10.03 8.77
C ASN A 198 5.70 10.24 8.75
N THR A 199 4.45 9.84 8.87
CA THR A 199 3.90 9.15 10.02
C THR A 199 3.03 7.97 9.58
N PRO A 200 2.79 7.00 10.50
CA PRO A 200 2.04 5.82 10.06
C PRO A 200 0.54 6.03 9.89
N TYR A 201 -0.07 5.09 9.19
N TYR A 201 -0.05 5.11 9.15
CA TYR A 201 -1.52 5.05 9.04
CA TYR A 201 -1.50 5.00 8.95
C TYR A 201 -2.08 3.71 9.47
C TYR A 201 -2.03 3.71 9.58
N LEU A 202 -3.28 3.76 10.05
CA LEU A 202 -4.00 2.56 10.45
C LEU A 202 -5.06 2.24 9.40
N TYR A 203 -5.32 0.94 9.25
CA TYR A 203 -6.31 0.42 8.30
C TYR A 203 -7.16 -0.60 9.01
N PHE A 204 -8.46 -0.37 9.09
CA PHE A 204 -9.38 -1.35 9.65
C PHE A 204 -10.16 -1.95 8.52
N GLY A 205 -10.07 -3.28 8.36
CA GLY A 205 -10.69 -3.96 7.24
C GLY A 205 -11.74 -4.95 7.65
N MET A 206 -12.49 -5.42 6.66
CA MET A 206 -13.46 -6.48 6.83
C MET A 206 -13.40 -7.38 5.58
N TRP A 207 -14.17 -8.46 5.59
CA TRP A 207 -14.22 -9.35 4.43
C TRP A 207 -14.47 -8.56 3.15
N LYS A 208 -13.66 -8.85 2.13
CA LYS A 208 -13.73 -8.29 0.79
C LYS A 208 -13.21 -6.87 0.65
N THR A 209 -12.83 -6.21 1.75
CA THR A 209 -12.15 -4.95 1.68
CA THR A 209 -12.22 -4.89 1.57
C THR A 209 -10.95 -5.09 0.76
N THR A 210 -10.73 -4.13 -0.14
CA THR A 210 -9.85 -4.30 -1.27
C THR A 210 -8.85 -3.17 -1.43
N PHE A 211 -7.58 -3.50 -1.68
CA PHE A 211 -6.66 -2.46 -2.11
C PHE A 211 -6.28 -2.70 -3.59
N ALA A 212 -6.50 -1.66 -4.37
CA ALA A 212 -6.34 -1.69 -5.82
C ALA A 212 -4.87 -1.76 -6.23
N TRP A 213 -4.61 -2.14 -7.47
CA TRP A 213 -3.23 -2.19 -7.99
C TRP A 213 -2.55 -0.83 -7.93
N HIS A 214 -1.39 -0.78 -7.28
CA HIS A 214 -0.67 0.47 -7.16
C HIS A 214 0.78 0.22 -6.78
N THR A 215 1.62 1.21 -7.06
CA THR A 215 2.88 1.33 -6.34
C THR A 215 2.74 2.44 -5.31
N GLU A 216 3.72 2.57 -4.42
CA GLU A 216 3.64 3.62 -3.41
C GLU A 216 3.87 5.00 -4.00
N ASP A 217 3.45 6.04 -3.29
CA ASP A 217 3.88 7.39 -3.62
C ASP A 217 5.40 7.31 -3.69
N MET A 218 5.71 7.96 -4.84
N MET A 218 5.76 7.92 -4.84
CA MET A 218 7.05 8.28 -5.30
CA MET A 218 7.11 8.26 -5.32
C MET A 218 7.79 6.98 -5.50
C MET A 218 7.82 6.96 -5.56
N ASP A 219 7.04 5.91 -5.83
CA ASP A 219 7.61 4.56 -5.74
C ASP A 219 8.51 4.23 -4.54
N LEU A 220 8.10 4.71 -3.38
CA LEU A 220 8.74 4.41 -2.10
C LEU A 220 8.56 2.94 -1.69
N TYR A 221 9.32 2.52 -0.69
CA TYR A 221 8.97 1.27 -0.01
C TYR A 221 7.73 1.49 0.86
N SER A 222 7.06 0.40 1.23
CA SER A 222 6.14 0.46 2.36
CA SER A 222 6.13 0.45 2.34
C SER A 222 6.42 -0.72 3.28
N ILE A 223 6.06 -0.54 4.55
CA ILE A 223 6.09 -1.65 5.48
C ILE A 223 4.73 -1.65 6.18
N ASN A 224 4.19 -2.86 6.32
CA ASN A 224 2.83 -3.09 6.77
C ASN A 224 2.83 -4.15 7.84
N TYR A 225 2.33 -3.81 9.03
CA TYR A 225 2.21 -4.77 10.12
C TYR A 225 0.74 -5.09 10.36
N LEU A 226 0.39 -6.37 10.32
CA LEU A 226 -0.98 -6.79 10.61
C LEU A 226 -1.11 -7.01 12.12
N HIS A 227 -1.68 -6.01 12.80
CA HIS A 227 -1.76 -6.01 14.27
C HIS A 227 -2.64 -7.10 14.82
N LEU A 228 -3.79 -7.32 14.19
N LEU A 228 -3.79 -7.31 14.20
CA LEU A 228 -4.88 -8.04 14.83
CA LEU A 228 -4.78 -8.21 14.76
C LEU A 228 -5.93 -8.50 13.82
C LEU A 228 -5.77 -8.63 13.71
N GLY A 229 -6.48 -9.70 14.02
CA GLY A 229 -7.59 -10.14 13.21
C GLY A 229 -7.28 -11.10 12.09
N GLU A 230 -8.13 -11.07 11.08
CA GLU A 230 -8.10 -12.04 10.01
C GLU A 230 -7.03 -11.67 8.96
N PRO A 231 -6.66 -12.63 8.09
CA PRO A 231 -5.55 -12.35 7.18
C PRO A 231 -5.80 -11.33 6.07
N LYS A 232 -4.71 -11.01 5.39
CA LYS A 232 -4.72 -10.14 4.22
CA LYS A 232 -4.75 -10.17 4.19
C LYS A 232 -3.97 -10.87 3.09
N THR A 233 -4.61 -11.07 1.95
CA THR A 233 -3.93 -11.69 0.80
C THR A 233 -3.40 -10.60 -0.13
N TRP A 234 -2.15 -10.78 -0.55
CA TRP A 234 -1.44 -9.85 -1.41
C TRP A 234 -1.12 -10.46 -2.76
N TYR A 235 -1.16 -9.64 -3.81
CA TYR A 235 -0.67 -9.96 -5.14
C TYR A 235 0.40 -8.95 -5.48
N VAL A 236 1.45 -9.35 -6.19
CA VAL A 236 2.53 -8.42 -6.48
C VAL A 236 3.21 -8.76 -7.80
N VAL A 237 3.58 -7.73 -8.55
CA VAL A 237 4.33 -7.88 -9.80
C VAL A 237 5.78 -7.48 -9.54
N PRO A 238 6.75 -8.30 -9.96
CA PRO A 238 8.15 -7.92 -9.80
C PRO A 238 8.44 -6.53 -10.39
N PRO A 239 9.19 -5.68 -9.67
CA PRO A 239 9.49 -4.35 -10.21
C PRO A 239 10.06 -4.37 -11.62
N GLU A 240 10.90 -5.35 -11.93
CA GLU A 240 11.49 -5.35 -13.27
C GLU A 240 10.45 -5.57 -14.37
N HIS A 241 9.26 -6.04 -13.98
CA HIS A 241 8.17 -6.29 -14.93
C HIS A 241 6.98 -5.37 -14.77
N GLY A 242 7.14 -4.30 -14.00
CA GLY A 242 6.03 -3.39 -13.76
C GLY A 242 5.38 -2.84 -15.02
N GLN A 243 6.18 -2.60 -16.06
CA GLN A 243 5.61 -2.05 -17.29
C GLN A 243 4.65 -3.00 -17.96
N ARG A 244 4.80 -4.31 -17.73
CA ARG A 244 3.86 -5.27 -18.30
C ARG A 244 2.49 -5.10 -17.66
N LEU A 245 2.45 -4.85 -16.35
CA LEU A 245 1.18 -4.60 -15.70
CA LEU A 245 1.19 -4.58 -15.67
C LEU A 245 0.59 -3.28 -16.21
N GLU A 246 1.42 -2.26 -16.37
CA GLU A 246 0.95 -0.97 -16.88
C GLU A 246 0.31 -1.11 -18.26
N ARG A 247 0.98 -1.85 -19.15
CA ARG A 247 0.45 -2.05 -20.49
CA ARG A 247 0.45 -2.07 -20.49
C ARG A 247 -0.89 -2.78 -20.46
N LEU A 248 -1.00 -3.82 -19.65
CA LEU A 248 -2.28 -4.53 -19.55
C LEU A 248 -3.36 -3.61 -18.99
N ALA A 249 -3.03 -2.83 -17.97
CA ALA A 249 -4.00 -1.90 -17.39
C ALA A 249 -4.52 -0.92 -18.43
N ARG A 250 -3.64 -0.44 -19.31
N ARG A 250 -3.63 -0.44 -19.30
CA ARG A 250 -4.05 0.49 -20.36
CA ARG A 250 -4.06 0.49 -20.36
C ARG A 250 -5.02 -0.17 -21.35
C ARG A 250 -5.04 -0.18 -21.31
N GLU A 251 -4.82 -1.45 -21.59
CA GLU A 251 -5.70 -2.22 -22.45
C GLU A 251 -7.05 -2.50 -21.78
N LEU A 252 -7.03 -2.78 -20.48
CA LEU A 252 -8.24 -3.18 -19.77
C LEU A 252 -9.10 -2.01 -19.29
N PHE A 253 -8.48 -0.84 -19.13
CA PHE A 253 -9.18 0.37 -18.68
C PHE A 253 -8.86 1.49 -19.65
N PRO A 254 -9.33 1.35 -20.91
CA PRO A 254 -8.81 2.25 -21.95
C PRO A 254 -9.24 3.71 -21.78
N GLY A 255 -10.47 3.97 -21.35
CA GLY A 255 -10.89 5.33 -21.08
C GLY A 255 -10.08 5.98 -19.96
N SER A 256 -9.83 5.24 -18.88
CA SER A 256 -9.03 5.76 -17.79
C SER A 256 -7.64 6.12 -18.25
N SER A 257 -7.08 5.26 -19.11
CA SER A 257 -5.74 5.48 -19.64
C SER A 257 -5.68 6.75 -20.49
N ARG A 258 -6.72 7.01 -21.28
CA ARG A 258 -6.76 8.23 -22.08
C ARG A 258 -6.87 9.48 -21.20
N GLY A 259 -7.54 9.34 -20.05
CA GLY A 259 -7.74 10.45 -19.14
C GLY A 259 -6.51 10.84 -18.34
N CYS A 260 -5.62 9.88 -18.11
CA CYS A 260 -4.45 10.14 -17.27
C CYS A 260 -3.32 9.19 -17.61
N GLY A 261 -2.13 9.74 -17.78
CA GLY A 261 -0.95 8.94 -18.12
C GLY A 261 -0.42 8.10 -16.98
N ALA A 262 -1.02 8.23 -15.81
CA ALA A 262 -0.63 7.43 -14.65
C ALA A 262 -1.85 7.08 -13.81
N PHE A 263 -2.89 6.55 -14.46
CA PHE A 263 -4.15 6.39 -13.74
C PHE A 263 -4.11 5.34 -12.64
N LEU A 264 -3.11 4.46 -12.62
CA LEU A 264 -3.06 3.52 -11.49
C LEU A 264 -2.77 4.26 -10.18
N ARG A 265 -2.25 5.47 -10.27
CA ARG A 265 -2.10 6.36 -9.11
C ARG A 265 -3.46 6.66 -8.43
N HIS A 266 -4.55 6.50 -9.17
CA HIS A 266 -5.86 6.75 -8.61
C HIS A 266 -6.28 5.66 -7.62
N LYS A 267 -5.61 4.51 -7.70
CA LYS A 267 -5.87 3.38 -6.80
C LYS A 267 -7.32 2.92 -6.83
N VAL A 268 -7.81 2.65 -8.03
CA VAL A 268 -9.19 2.17 -8.18
C VAL A 268 -9.31 0.92 -9.05
N ALA A 269 -8.22 0.44 -9.67
CA ALA A 269 -8.32 -0.64 -10.65
C ALA A 269 -7.94 -2.00 -10.08
N LEU A 270 -8.80 -2.99 -10.32
CA LEU A 270 -8.53 -4.37 -9.91
C LEU A 270 -8.48 -5.29 -11.12
N ILE A 271 -7.52 -6.20 -11.09
CA ILE A 271 -7.35 -7.23 -12.11
C ILE A 271 -7.08 -8.54 -11.36
N SER A 272 -7.85 -9.58 -11.67
CA SER A 272 -7.72 -10.85 -10.93
C SER A 272 -6.50 -11.66 -11.33
N PRO A 273 -6.07 -12.59 -10.47
CA PRO A 273 -4.95 -13.46 -10.86
C PRO A 273 -5.25 -14.26 -12.13
N THR A 274 -6.50 -14.67 -12.33
CA THR A 274 -6.85 -15.38 -13.56
C THR A 274 -6.60 -14.53 -14.80
N VAL A 275 -6.99 -13.26 -14.74
CA VAL A 275 -6.78 -12.37 -15.88
C VAL A 275 -5.29 -12.08 -16.07
N LEU A 276 -4.54 -11.91 -14.98
CA LEU A 276 -3.09 -11.74 -15.10
C LEU A 276 -2.47 -12.97 -15.79
N LYS A 277 -2.87 -14.16 -15.37
CA LYS A 277 -2.35 -15.38 -15.98
C LYS A 277 -2.70 -15.48 -17.47
N GLU A 278 -3.95 -15.14 -17.79
CA GLU A 278 -4.40 -15.19 -19.18
C GLU A 278 -3.59 -14.26 -20.07
N ASN A 279 -3.06 -13.20 -19.49
CA ASN A 279 -2.30 -12.21 -20.24
C ASN A 279 -0.79 -12.29 -20.03
N GLY A 280 -0.35 -13.37 -19.39
CA GLY A 280 1.07 -13.62 -19.21
C GLY A 280 1.81 -12.63 -18.34
N ILE A 281 1.11 -11.97 -17.42
CA ILE A 281 1.77 -11.03 -16.51
C ILE A 281 2.43 -11.78 -15.36
N PRO A 282 3.73 -11.59 -15.17
CA PRO A 282 4.38 -12.26 -14.02
C PRO A 282 3.90 -11.67 -12.69
N PHE A 283 3.51 -12.53 -11.77
CA PHE A 283 3.08 -12.05 -10.45
C PHE A 283 3.22 -13.18 -9.44
N ASN A 284 3.14 -12.81 -8.17
CA ASN A 284 3.09 -13.78 -7.09
C ASN A 284 2.02 -13.39 -6.11
N ARG A 285 1.67 -14.32 -5.23
CA ARG A 285 0.68 -14.06 -4.20
C ARG A 285 1.14 -14.66 -2.86
N ILE A 286 0.67 -14.06 -1.78
CA ILE A 286 0.96 -14.58 -0.45
C ILE A 286 -0.07 -14.06 0.53
N THR A 287 -0.35 -14.82 1.57
CA THR A 287 -1.28 -14.35 2.60
C THR A 287 -0.53 -14.00 3.87
N GLN A 288 -0.78 -12.79 4.35
CA GLN A 288 -0.20 -12.24 5.58
C GLN A 288 -1.16 -12.52 6.74
N GLU A 289 -0.64 -13.03 7.85
CA GLU A 289 -1.46 -13.27 9.03
C GLU A 289 -1.09 -12.32 10.16
N ALA A 290 -1.96 -12.23 11.16
CA ALA A 290 -1.73 -11.33 12.28
C ALA A 290 -0.38 -11.62 12.92
N GLY A 291 0.35 -10.56 13.24
CA GLY A 291 1.67 -10.67 13.83
C GLY A 291 2.80 -10.67 12.83
N GLU A 292 2.49 -10.50 11.54
CA GLU A 292 3.51 -10.54 10.50
C GLU A 292 3.67 -9.19 9.79
N PHE A 293 4.91 -8.87 9.42
CA PHE A 293 5.21 -7.70 8.59
C PHE A 293 5.29 -8.08 7.12
N MET A 294 4.86 -7.17 6.25
CA MET A 294 5.16 -7.24 4.83
C MET A 294 5.92 -5.98 4.44
N VAL A 295 6.90 -6.12 3.57
CA VAL A 295 7.56 -4.96 2.97
C VAL A 295 7.32 -4.96 1.48
N THR A 296 6.85 -3.84 0.95
CA THR A 296 6.83 -3.68 -0.51
C THR A 296 8.03 -2.84 -0.92
N PHE A 297 8.58 -3.17 -2.09
CA PHE A 297 9.82 -2.58 -2.56
C PHE A 297 9.51 -1.57 -3.67
N PRO A 298 10.41 -0.62 -3.90
CA PRO A 298 10.18 0.41 -4.93
C PRO A 298 9.71 -0.16 -6.26
N TYR A 299 8.59 0.38 -6.74
CA TYR A 299 8.00 0.05 -8.05
C TYR A 299 7.47 -1.39 -8.09
N GLY A 300 7.17 -1.96 -6.92
CA GLY A 300 6.49 -3.24 -6.87
C GLY A 300 4.97 -3.02 -6.81
N TYR A 301 4.30 -3.18 -7.94
CA TYR A 301 2.85 -3.08 -7.97
C TYR A 301 2.23 -4.15 -7.10
N HIS A 302 1.26 -3.77 -6.27
CA HIS A 302 0.58 -4.73 -5.43
C HIS A 302 -0.90 -4.41 -5.28
N ALA A 303 -1.67 -5.43 -4.92
CA ALA A 303 -3.11 -5.34 -4.73
C ALA A 303 -3.48 -6.43 -3.74
N GLY A 304 -4.67 -6.41 -3.18
CA GLY A 304 -5.06 -7.50 -2.31
C GLY A 304 -6.39 -7.28 -1.63
N PHE A 305 -6.69 -8.14 -0.67
CA PHE A 305 -7.98 -8.09 0.00
C PHE A 305 -7.88 -8.66 1.41
N ASN A 306 -8.80 -8.24 2.26
CA ASN A 306 -8.86 -8.73 3.63
C ASN A 306 -9.84 -9.89 3.78
N HIS A 307 -9.51 -10.82 4.66
CA HIS A 307 -10.30 -12.02 4.86
C HIS A 307 -11.48 -11.81 5.82
N GLY A 308 -11.42 -10.76 6.64
CA GLY A 308 -12.39 -10.53 7.70
C GLY A 308 -11.92 -9.34 8.51
N PHE A 309 -12.50 -9.11 9.67
CA PHE A 309 -12.13 -7.97 10.49
C PHE A 309 -10.64 -8.02 10.83
N ASN A 310 -9.94 -6.93 10.54
CA ASN A 310 -8.55 -6.83 10.95
C ASN A 310 -8.10 -5.39 11.08
N CYS A 311 -6.88 -5.21 11.59
CA CYS A 311 -6.28 -3.90 11.73
C CYS A 311 -4.82 -4.00 11.34
N ALA A 312 -4.41 -3.17 10.38
CA ALA A 312 -3.03 -3.10 9.94
C ALA A 312 -2.50 -1.68 10.13
N GLU A 313 -1.18 -1.57 10.23
CA GLU A 313 -0.51 -0.28 10.32
C GLU A 313 0.55 -0.26 9.24
N ALA A 314 0.65 0.83 8.51
CA ALA A 314 1.65 0.91 7.45
C ALA A 314 2.25 2.29 7.34
N ILE A 315 3.45 2.35 6.77
CA ILE A 315 4.14 3.61 6.55
C ILE A 315 5.10 3.43 5.37
N ASN A 316 5.34 4.51 4.65
CA ASN A 316 6.37 4.50 3.62
C ASN A 316 7.74 4.77 4.22
N PHE A 317 8.77 4.21 3.58
CA PHE A 317 10.13 4.51 3.97
C PHE A 317 11.02 4.45 2.75
N ALA A 318 12.26 4.92 2.92
CA ALA A 318 13.22 4.99 1.84
C ALA A 318 14.55 4.40 2.28
N THR A 319 15.35 4.02 1.28
CA THR A 319 16.74 3.61 1.45
C THR A 319 17.55 4.29 0.35
N PRO A 320 18.89 4.19 0.40
CA PRO A 320 19.63 4.78 -0.72
C PRO A 320 19.23 4.23 -2.09
N ARG A 321 18.90 2.95 -2.17
CA ARG A 321 18.53 2.35 -3.46
C ARG A 321 17.22 2.92 -4.02
N TRP A 322 16.37 3.44 -3.15
CA TRP A 322 15.11 4.03 -3.60
C TRP A 322 15.30 5.30 -4.47
N ILE A 323 16.36 6.07 -4.23
CA ILE A 323 16.45 7.41 -4.82
C ILE A 323 16.24 7.37 -6.35
N ASP A 324 16.88 6.43 -7.03
CA ASP A 324 16.72 6.37 -8.48
C ASP A 324 15.28 6.01 -8.91
N TYR A 325 14.60 5.21 -8.10
CA TYR A 325 13.18 4.93 -8.38
C TYR A 325 12.32 6.18 -8.17
N GLY A 326 12.61 6.95 -7.13
CA GLY A 326 11.89 8.19 -6.92
C GLY A 326 11.99 9.13 -8.11
N LYS A 327 13.19 9.18 -8.70
CA LYS A 327 13.42 10.03 -9.88
C LYS A 327 12.56 9.62 -11.06
N MET A 328 12.27 8.33 -11.15
CA MET A 328 11.60 7.74 -12.31
CA MET A 328 11.58 7.84 -12.34
C MET A 328 10.10 7.54 -12.10
N ALA A 329 9.60 7.90 -10.92
CA ALA A 329 8.20 7.61 -10.60
C ALA A 329 7.24 8.36 -11.51
N SER A 330 6.25 7.65 -12.05
N SER A 330 6.27 7.63 -12.04
CA SER A 330 5.22 8.27 -12.89
CA SER A 330 5.18 8.25 -12.79
C SER A 330 4.19 8.98 -12.03
C SER A 330 4.43 9.18 -11.86
N GLN A 331 3.77 10.17 -12.44
CA GLN A 331 2.86 11.00 -11.65
C GLN A 331 1.54 11.23 -12.33
N CYS A 332 0.50 11.29 -11.51
N CYS A 332 0.47 11.26 -11.53
CA CYS A 332 -0.81 11.75 -11.93
CA CYS A 332 -0.87 11.55 -12.04
C CYS A 332 -0.87 13.27 -11.86
C CYS A 332 -0.90 12.89 -12.77
N SER A 333 -1.16 13.91 -12.99
N SER A 333 -1.53 12.93 -13.94
CA SER A 333 -1.31 15.36 -13.05
CA SER A 333 -1.56 14.15 -14.75
C SER A 333 -2.72 15.75 -13.48
C SER A 333 -2.94 14.80 -14.78
N CYS A 334 -3.54 14.74 -13.78
N CYS A 334 -3.90 14.21 -14.08
CA CYS A 334 -4.92 14.99 -14.17
CA CYS A 334 -5.29 14.69 -14.17
C CYS A 334 -5.69 15.53 -12.97
C CYS A 334 -5.88 15.28 -12.89
N GLY A 335 -5.15 15.24 -11.78
CA GLY A 335 -5.65 15.79 -10.54
C GLY A 335 -6.45 14.85 -9.65
N GLU A 336 -6.71 13.64 -10.14
CA GLU A 336 -7.49 12.69 -9.35
C GLU A 336 -6.75 12.19 -8.11
N ALA A 337 -5.45 11.94 -8.26
N ALA A 337 -5.47 11.89 -8.28
CA ALA A 337 -4.66 11.31 -7.19
CA ALA A 337 -4.67 11.33 -7.21
C ALA A 337 -4.70 12.10 -5.88
C ALA A 337 -4.20 12.42 -6.26
N ARG A 338 -4.36 13.39 -5.94
N ARG A 338 -4.34 12.17 -4.96
CA ARG A 338 -4.42 14.30 -4.79
CA ARG A 338 -3.91 13.12 -3.96
C ARG A 338 -3.73 13.74 -3.53
C ARG A 338 -2.40 13.23 -3.89
N VAL A 339 -2.46 14.05 -3.37
N VAL A 339 -1.89 14.46 -3.96
CA VAL A 339 -1.64 13.42 -2.35
CA VAL A 339 -0.48 14.73 -3.74
C VAL A 339 -1.17 14.37 -1.24
C VAL A 339 -0.30 15.32 -2.35
N THR A 340 -0.41 13.81 -0.30
N THR A 340 0.24 14.53 -1.44
CA THR A 340 0.14 14.57 0.82
CA THR A 340 0.32 14.93 -0.04
C THR A 340 1.06 15.71 0.37
C THR A 340 1.34 16.05 0.14
N PHE A 341 1.29 16.67 1.26
N PHE A 341 1.25 16.74 1.28
CA PHE A 341 2.20 17.75 0.94
CA PHE A 341 2.14 17.84 1.59
C PHE A 341 3.65 17.32 1.14
C PHE A 341 3.60 17.45 1.40
N SER A 342 3.84 16.20 1.83
N SER A 342 3.98 16.32 1.97
CA SER A 342 5.17 15.63 1.98
CA SER A 342 5.36 15.89 1.94
C SER A 342 5.73 15.28 0.60
C SER A 342 5.80 15.41 0.55
N MET A 343 4.83 14.86 -0.29
N MET A 343 4.85 14.93 -0.24
CA MET A 343 5.21 14.49 -1.65
CA MET A 343 5.13 14.53 -1.63
C MET A 343 5.70 15.67 -2.48
C MET A 343 5.68 15.67 -2.46
N ASP A 344 5.19 16.88 -2.18
CA ASP A 344 5.58 18.06 -2.93
C ASP A 344 7.07 18.21 -3.01
N ALA A 345 7.74 18.09 -1.87
CA ALA A 345 9.16 18.29 -1.81
C ALA A 345 9.90 17.21 -2.59
N PHE A 346 9.38 15.98 -2.53
N PHE A 346 9.37 15.98 -2.58
CA PHE A 346 10.01 14.87 -3.25
CA PHE A 346 10.06 14.91 -3.28
C PHE A 346 10.01 15.19 -4.76
C PHE A 346 9.97 15.06 -4.79
N VAL A 347 8.84 15.59 -5.28
CA VAL A 347 8.73 15.90 -6.70
C VAL A 347 9.60 17.11 -7.03
N ARG A 348 9.58 18.12 -6.16
CA ARG A 348 10.34 19.34 -6.41
C ARG A 348 11.84 19.07 -6.57
N ILE A 349 12.38 18.22 -5.70
CA ILE A 349 13.81 17.93 -5.74
C ILE A 349 14.17 16.82 -6.73
N LEU A 350 13.42 15.72 -6.75
CA LEU A 350 13.80 14.60 -7.61
C LEU A 350 13.29 14.73 -9.04
N GLN A 351 12.22 15.51 -9.23
N GLN A 351 12.20 15.46 -9.23
CA GLN A 351 11.59 15.63 -10.56
CA GLN A 351 11.64 15.62 -10.57
C GLN A 351 11.28 17.09 -10.90
C GLN A 351 11.30 17.08 -10.86
N PRO A 352 12.32 17.95 -10.90
CA PRO A 352 12.03 19.38 -11.08
C PRO A 352 11.32 19.73 -12.39
N GLU A 353 11.57 18.98 -13.46
N GLU A 353 11.60 19.02 -13.48
CA GLU A 353 10.91 19.22 -14.75
CA GLU A 353 10.87 19.31 -14.71
C GLU A 353 9.41 18.94 -14.69
C GLU A 353 9.37 19.09 -14.49
N ARG A 354 9.02 17.95 -13.91
CA ARG A 354 7.62 17.60 -13.72
C ARG A 354 6.94 18.57 -12.76
N TYR A 355 7.69 19.06 -11.77
N TYR A 355 7.71 19.07 -11.80
CA TYR A 355 7.13 19.82 -10.66
CA TYR A 355 7.23 20.04 -10.82
C TYR A 355 6.00 20.79 -11.01
C TYR A 355 6.97 21.40 -11.46
N ASP A 356 6.18 21.53 -12.11
N ASP A 356 7.91 21.86 -12.28
CA ASP A 356 5.19 22.52 -12.53
CA ASP A 356 7.76 23.12 -12.98
C ASP A 356 3.82 21.90 -12.85
C ASP A 356 6.56 23.10 -13.93
N LEU A 357 3.81 20.96 -13.78
N LEU A 357 6.36 21.97 -14.59
CA LEU A 357 2.56 20.33 -14.21
CA LEU A 357 5.22 21.82 -15.50
C LEU A 357 1.92 19.51 -13.10
C LEU A 357 3.90 21.92 -14.74
N TRP A 358 2.75 18.84 -12.31
N TRP A 358 3.88 21.36 -13.54
CA TRP A 358 2.26 17.98 -11.23
CA TRP A 358 2.70 21.42 -12.69
C TRP A 358 1.58 18.79 -10.14
C TRP A 358 2.43 22.84 -12.22
N LYS A 359 2.07 20.00 -9.91
N LYS A 359 3.50 23.56 -11.88
CA LYS A 359 1.50 20.87 -8.88
CA LYS A 359 3.38 24.94 -11.43
C LYS A 359 0.18 21.47 -9.35
C LYS A 359 2.89 25.86 -12.55
N ARG A 360 0.02 21.57 -10.68
N ARG A 360 3.33 25.58 -13.77
CA ARG A 360 -1.21 22.06 -11.26
CA ARG A 360 2.95 26.39 -14.92
C ARG A 360 -2.37 21.11 -10.97
C ARG A 360 1.63 25.91 -15.53
N GLY A 361 -2.05 19.81 -10.93
N GLY A 361 1.28 24.66 -15.28
CA GLY A 361 -3.04 18.80 -10.58
CA GLY A 361 0.06 24.09 -15.80
C GLY A 361 -3.27 18.77 -9.09
C GLY A 361 -1.19 24.67 -15.17
N GLN A 362 -2.28 19.22 -8.33
CA GLN A 362 -2.38 19.28 -6.88
C GLN A 362 -3.21 20.48 -6.44
N ASP A 363 -3.15 21.54 -7.24
CA ASP A 363 -3.89 22.77 -6.93
C ASP A 363 -4.86 23.13 -8.04
#